data_3I0Q
#
_entry.id   3I0Q
#
_cell.length_a   74.466
_cell.length_b   74.466
_cell.length_c   135.526
_cell.angle_alpha   90.00
_cell.angle_beta   90.00
_cell.angle_gamma   120.00
#
_symmetry.space_group_name_H-M   'P 31 2 1'
#
loop_
_entity.id
_entity.type
_entity.pdbx_description
1 polymer 'Spectinomycin phosphotransferase'
2 non-polymer 'ADENOSINE MONOPHOSPHATE'
3 non-polymer 'NICKEL (II) ION'
4 water water
#
_entity_poly.entity_id   1
_entity_poly.type   'polypeptide(L)'
_entity_poly.pdbx_seq_one_letter_code
;MLKQPIQAQQLIELLKVHYGIDIHTAQFIQGGADTNAFAYQADSESKSYFIKLKYGYHDEINLSIIRLLHDSGIKEIIFP
IHTLEAKLFQQLKHFKIIAYPFIHAPNGFTQNLTGKQWKQLGKVLRQIHETSVPISIQQQLRKEIYSPKWREIVRSFYNQ
IEFDNSDDKLTAAFKSFFNQNSAAIHRLVDTSEKLSKKIQPDLDKYVLCHSDIHAGNVLVGNEESIYIIDWDEPMLAPKE
RDLMFIGGGVGNVWNKPHEIQYFYEGYGEINVDKTILSYYRHERIVEDIAVYGQDLLSRNQNNQSRLESFKYFKEMFDPN
NVVEIAFATEQLEHHHHHH
;
_entity_poly.pdbx_strand_id   A
#
loop_
_chem_comp.id
_chem_comp.type
_chem_comp.name
_chem_comp.formula
AMP non-polymer 'ADENOSINE MONOPHOSPHATE' 'C10 H14 N5 O7 P'
NI non-polymer 'NICKEL (II) ION' 'Ni 2'
#
# COMPACT_ATOMS: atom_id res chain seq x y z
N PRO A 5 15.83 -9.55 13.98
CA PRO A 5 17.11 -9.59 13.22
C PRO A 5 17.89 -10.89 13.50
N ILE A 6 17.20 -11.89 14.02
CA ILE A 6 17.86 -13.16 14.35
C ILE A 6 18.28 -13.95 13.13
N GLN A 7 18.75 -15.17 13.35
CA GLN A 7 19.17 -16.05 12.27
C GLN A 7 18.46 -17.41 12.36
N ALA A 8 18.55 -18.19 11.28
CA ALA A 8 17.90 -19.50 11.21
C ALA A 8 17.67 -20.18 12.55
N GLN A 9 18.63 -21.00 13.00
CA GLN A 9 18.52 -21.71 14.28
C GLN A 9 17.69 -21.00 15.34
N GLN A 10 17.90 -19.69 15.49
CA GLN A 10 17.15 -18.93 16.47
C GLN A 10 15.69 -19.03 16.10
N LEU A 11 15.36 -18.50 14.92
CA LEU A 11 13.99 -18.53 14.41
C LEU A 11 13.44 -19.95 14.33
N ILE A 12 14.24 -20.87 13.81
CA ILE A 12 13.84 -22.26 13.68
C ILE A 12 13.27 -22.80 15.00
N GLU A 13 13.88 -22.39 16.11
CA GLU A 13 13.43 -22.82 17.43
C GLU A 13 12.11 -22.20 17.84
N LEU A 14 11.97 -20.90 17.62
CA LEU A 14 10.73 -20.19 17.98
C LEU A 14 9.50 -20.81 17.32
N LEU A 15 9.60 -21.09 16.02
CA LEU A 15 8.51 -21.69 15.28
C LEU A 15 8.19 -23.04 15.92
N LYS A 16 9.20 -23.90 16.00
CA LYS A 16 9.00 -25.22 16.62
C LYS A 16 8.39 -25.08 18.01
N VAL A 17 8.71 -23.98 18.70
CA VAL A 17 8.20 -23.72 20.04
C VAL A 17 6.77 -23.23 20.05
N HIS A 18 6.56 -22.03 19.50
CA HIS A 18 5.24 -21.39 19.48
C HIS A 18 4.23 -21.87 18.45
N TYR A 19 4.70 -22.33 17.30
CA TYR A 19 3.80 -22.80 16.25
C TYR A 19 3.77 -24.33 16.13
N GLY A 20 4.84 -24.98 16.56
CA GLY A 20 4.90 -26.43 16.49
C GLY A 20 5.40 -26.96 15.15
N ILE A 21 5.82 -26.05 14.29
CA ILE A 21 6.33 -26.39 12.98
C ILE A 21 7.75 -26.92 13.06
N ASP A 22 8.08 -27.88 12.20
CA ASP A 22 9.43 -28.45 12.16
C ASP A 22 10.11 -27.96 10.87
N ILE A 23 10.59 -26.72 10.88
CA ILE A 23 11.28 -26.18 9.70
C ILE A 23 12.78 -26.45 9.81
N HIS A 24 13.40 -26.84 8.71
CA HIS A 24 14.83 -27.12 8.67
C HIS A 24 15.59 -25.89 8.19
N THR A 25 14.91 -25.02 7.46
CA THR A 25 15.54 -23.80 6.96
C THR A 25 14.77 -22.56 7.37
N ALA A 26 15.47 -21.44 7.38
CA ALA A 26 14.89 -20.15 7.73
C ALA A 26 15.84 -19.12 7.17
N GLN A 27 15.72 -18.85 5.87
CA GLN A 27 16.57 -17.88 5.22
C GLN A 27 16.08 -16.50 5.62
N PHE A 28 16.71 -15.46 5.09
CA PHE A 28 16.30 -14.10 5.38
C PHE A 28 16.05 -13.43 4.02
N ILE A 29 15.07 -12.54 3.99
CA ILE A 29 14.74 -11.84 2.76
C ILE A 29 15.02 -10.34 2.91
N GLN A 30 16.19 -9.93 2.44
CA GLN A 30 16.64 -8.55 2.50
C GLN A 30 15.58 -7.55 2.07
N ALA A 37 11.14 -4.13 11.18
CA ALA A 37 10.37 -5.35 10.89
C ALA A 37 11.05 -6.17 9.79
N PHE A 38 11.30 -7.45 10.06
CA PHE A 38 11.96 -8.33 9.10
C PHE A 38 11.07 -9.47 8.67
N ALA A 39 11.54 -10.25 7.69
CA ALA A 39 10.80 -11.38 7.15
C ALA A 39 11.77 -12.46 6.68
N TYR A 40 11.30 -13.71 6.64
CA TYR A 40 12.14 -14.84 6.21
C TYR A 40 11.32 -15.91 5.49
N GLN A 41 11.99 -16.76 4.72
CA GLN A 41 11.28 -17.87 4.09
C GLN A 41 11.70 -19.16 4.79
N ALA A 42 10.96 -19.50 5.85
CA ALA A 42 11.24 -20.70 6.63
C ALA A 42 10.55 -21.93 6.04
N ASP A 43 11.32 -22.76 5.35
CA ASP A 43 10.78 -23.97 4.75
C ASP A 43 10.66 -25.10 5.76
N SER A 44 9.63 -25.92 5.56
CA SER A 44 9.40 -27.07 6.42
C SER A 44 9.80 -28.29 5.61
N GLU A 45 9.56 -29.46 6.19
CA GLU A 45 9.89 -30.70 5.52
C GLU A 45 9.00 -30.83 4.27
N SER A 46 7.88 -30.13 4.28
CA SER A 46 6.91 -30.21 3.18
C SER A 46 6.35 -28.89 2.66
N LYS A 47 6.18 -27.91 3.53
CA LYS A 47 5.60 -26.62 3.17
C LYS A 47 6.47 -25.39 3.45
N SER A 48 6.41 -24.41 2.56
CA SER A 48 7.19 -23.20 2.72
C SER A 48 6.37 -22.13 3.43
N TYR A 49 7.00 -21.37 4.31
CA TYR A 49 6.32 -20.31 5.03
C TYR A 49 6.97 -18.93 4.84
N PHE A 50 6.23 -17.89 5.17
CA PHE A 50 6.69 -16.52 5.09
C PHE A 50 6.40 -15.97 6.47
N ILE A 51 7.45 -15.62 7.22
CA ILE A 51 7.32 -15.11 8.59
C ILE A 51 7.55 -13.62 8.70
N LYS A 52 7.06 -12.98 9.74
CA LYS A 52 7.28 -11.53 9.90
C LYS A 52 7.62 -11.15 11.33
N LEU A 53 8.87 -10.79 11.59
CA LEU A 53 9.25 -10.38 12.93
C LEU A 53 9.10 -8.87 12.96
N LYS A 54 8.26 -8.36 13.84
CA LYS A 54 8.04 -6.91 13.92
C LYS A 54 8.37 -6.37 15.31
N TYR A 55 9.42 -5.54 15.41
CA TYR A 55 9.82 -4.95 16.70
C TYR A 55 8.77 -4.04 17.32
N GLY A 56 8.46 -4.29 18.58
CA GLY A 56 7.47 -3.49 19.28
C GLY A 56 6.08 -3.84 18.81
N TYR A 57 5.12 -3.83 19.72
CA TYR A 57 3.74 -4.15 19.37
C TYR A 57 3.06 -2.97 18.63
N HIS A 58 2.86 -3.15 17.33
CA HIS A 58 2.22 -2.12 16.48
C HIS A 58 1.08 -2.62 15.61
N ASP A 59 0.38 -1.67 14.99
CA ASP A 59 -0.77 -1.93 14.13
C ASP A 59 -1.42 -3.30 14.30
N GLU A 60 -2.25 -3.40 15.32
CA GLU A 60 -3.00 -4.62 15.60
C GLU A 60 -4.29 -4.34 14.85
N ILE A 61 -4.40 -3.08 14.42
CA ILE A 61 -5.52 -2.53 13.67
C ILE A 61 -5.48 -3.01 12.22
N ASN A 62 -4.74 -4.08 12.01
CA ASN A 62 -4.55 -4.71 10.70
C ASN A 62 -5.15 -6.09 10.76
N LEU A 63 -4.65 -6.90 11.69
CA LEU A 63 -5.12 -8.26 11.87
C LEU A 63 -6.64 -8.33 12.01
N SER A 64 -7.25 -7.25 12.50
CA SER A 64 -8.70 -7.22 12.65
C SER A 64 -9.31 -7.48 11.26
N ILE A 65 -9.14 -6.50 10.38
CA ILE A 65 -9.60 -6.55 9.01
C ILE A 65 -9.36 -7.90 8.32
N ILE A 66 -8.24 -8.54 8.59
CA ILE A 66 -7.99 -9.82 7.97
C ILE A 66 -9.00 -10.82 8.49
N ARG A 67 -9.27 -10.77 9.78
CA ARG A 67 -10.26 -11.65 10.41
C ARG A 67 -11.61 -11.36 9.76
N LEU A 68 -12.00 -10.08 9.77
CA LEU A 68 -13.26 -9.61 9.21
C LEU A 68 -13.39 -10.01 7.74
N LEU A 69 -12.28 -9.97 7.02
CA LEU A 69 -12.31 -10.32 5.61
C LEU A 69 -12.31 -11.83 5.41
N HIS A 70 -11.46 -12.55 6.16
CA HIS A 70 -11.43 -13.99 6.02
C HIS A 70 -12.82 -14.53 6.34
N ASP A 71 -13.48 -13.91 7.33
CA ASP A 71 -14.84 -14.27 7.75
C ASP A 71 -15.78 -14.01 6.61
N SER A 72 -15.59 -12.85 5.97
CA SER A 72 -16.40 -12.43 4.85
C SER A 72 -16.21 -13.39 3.70
N GLY A 73 -15.31 -14.36 3.92
CA GLY A 73 -15.01 -15.38 2.92
C GLY A 73 -14.36 -14.88 1.65
N ILE A 74 -13.39 -13.97 1.79
CA ILE A 74 -12.67 -13.46 0.65
C ILE A 74 -11.38 -14.24 0.59
N LYS A 75 -11.24 -15.06 -0.44
CA LYS A 75 -10.05 -15.90 -0.57
C LYS A 75 -8.77 -15.15 -0.95
N GLU A 76 -8.93 -14.04 -1.68
CA GLU A 76 -7.79 -13.28 -2.14
C GLU A 76 -7.05 -12.53 -1.06
N ILE A 77 -7.13 -13.04 0.16
CA ILE A 77 -6.45 -12.46 1.31
C ILE A 77 -5.65 -13.56 2.00
N ILE A 78 -4.32 -13.46 1.95
CA ILE A 78 -3.47 -14.47 2.57
C ILE A 78 -3.73 -14.49 4.08
N PHE A 79 -4.17 -15.65 4.61
CA PHE A 79 -4.48 -15.78 6.03
C PHE A 79 -3.28 -16.27 6.85
N PRO A 80 -3.10 -15.72 8.07
CA PRO A 80 -1.98 -16.12 8.92
C PRO A 80 -2.07 -17.59 9.34
N ILE A 81 -1.00 -18.10 9.93
CA ILE A 81 -1.01 -19.48 10.39
C ILE A 81 -1.19 -19.48 11.90
N HIS A 82 -2.02 -20.38 12.40
CA HIS A 82 -2.30 -20.47 13.83
C HIS A 82 -1.17 -21.03 14.70
N THR A 83 -0.96 -20.37 15.85
CA THR A 83 0.03 -20.78 16.83
C THR A 83 -0.62 -21.79 17.76
N LEU A 84 0.16 -22.69 18.34
CA LEU A 84 -0.39 -23.67 19.24
C LEU A 84 -1.42 -23.00 20.18
N GLU A 85 -1.09 -21.80 20.66
CA GLU A 85 -2.00 -21.07 21.54
C GLU A 85 -3.30 -20.70 20.84
N ALA A 86 -3.43 -21.14 19.59
CA ALA A 86 -4.62 -20.88 18.76
C ALA A 86 -4.78 -19.43 18.33
N LYS A 87 -3.68 -18.68 18.33
CA LYS A 87 -3.69 -17.27 17.93
C LYS A 87 -3.10 -17.09 16.54
N LEU A 88 -3.22 -15.88 16.00
CA LEU A 88 -2.68 -15.58 14.66
C LEU A 88 -1.24 -15.07 14.68
N PHE A 89 -0.77 -14.70 15.87
CA PHE A 89 0.59 -14.20 16.05
C PHE A 89 1.22 -14.81 17.30
N GLN A 90 2.39 -14.29 17.67
CA GLN A 90 3.11 -14.76 18.83
C GLN A 90 3.85 -13.56 19.41
N GLN A 91 3.09 -12.68 20.08
CA GLN A 91 3.66 -11.49 20.67
C GLN A 91 4.81 -11.86 21.60
N LEU A 92 4.69 -12.98 22.29
CA LEU A 92 5.74 -13.41 23.21
C LEU A 92 6.16 -12.20 24.08
N LYS A 93 5.38 -11.95 25.15
CA LYS A 93 5.63 -10.83 26.05
C LYS A 93 5.73 -9.47 25.34
N HIS A 94 4.58 -8.96 24.90
CA HIS A 94 4.45 -7.67 24.22
C HIS A 94 4.79 -7.66 22.71
N PHE A 95 5.93 -8.27 22.35
CA PHE A 95 6.44 -8.35 20.97
C PHE A 95 5.43 -8.87 19.91
N LYS A 96 5.93 -9.43 18.81
CA LYS A 96 5.07 -9.93 17.73
C LYS A 96 5.74 -10.79 16.62
N ILE A 97 5.12 -11.94 16.32
CA ILE A 97 5.56 -12.85 15.25
C ILE A 97 4.33 -13.17 14.39
N ILE A 98 4.53 -13.32 13.08
CA ILE A 98 3.41 -13.62 12.20
C ILE A 98 3.85 -14.54 11.08
N ALA A 99 3.26 -15.72 11.04
CA ALA A 99 3.60 -16.66 9.99
C ALA A 99 2.49 -16.63 8.94
N TYR A 100 2.87 -16.91 7.70
CA TYR A 100 1.93 -16.96 6.58
C TYR A 100 2.49 -18.02 5.70
N PRO A 101 1.63 -18.73 4.97
CA PRO A 101 2.16 -19.75 4.08
C PRO A 101 2.94 -18.97 3.00
N PHE A 102 3.85 -19.62 2.27
CA PHE A 102 4.61 -18.86 1.28
C PHE A 102 4.02 -18.87 -0.11
N ILE A 103 3.68 -17.69 -0.62
CA ILE A 103 3.11 -17.58 -1.96
C ILE A 103 4.15 -17.22 -3.00
N HIS A 104 4.59 -18.22 -3.74
CA HIS A 104 5.58 -18.05 -4.80
C HIS A 104 4.86 -17.35 -5.93
N ALA A 105 4.91 -16.03 -5.92
CA ALA A 105 4.25 -15.28 -6.97
C ALA A 105 4.71 -13.85 -6.99
N PRO A 106 4.96 -13.34 -8.18
CA PRO A 106 5.42 -11.96 -8.38
C PRO A 106 4.23 -11.02 -8.20
N ASN A 107 4.49 -9.71 -8.15
CA ASN A 107 3.43 -8.72 -8.00
C ASN A 107 3.12 -8.02 -9.32
N GLY A 108 2.20 -7.08 -9.28
CA GLY A 108 1.82 -6.37 -10.49
C GLY A 108 2.93 -5.50 -11.06
N PHE A 109 4.05 -5.45 -10.36
CA PHE A 109 5.19 -4.69 -10.84
C PHE A 109 6.03 -5.58 -11.74
N THR A 110 5.77 -6.88 -11.68
CA THR A 110 6.46 -7.92 -12.45
C THR A 110 5.48 -8.64 -13.34
N GLN A 111 4.40 -9.13 -12.72
CA GLN A 111 3.36 -9.86 -13.42
C GLN A 111 2.15 -9.02 -13.80
N ASN A 112 1.81 -9.06 -15.09
CA ASN A 112 0.69 -8.32 -15.56
C ASN A 112 -0.54 -9.17 -15.31
N LEU A 113 -1.67 -8.51 -15.08
CA LEU A 113 -2.91 -9.24 -14.84
C LEU A 113 -3.54 -9.52 -16.18
N THR A 114 -4.06 -10.73 -16.33
CA THR A 114 -4.73 -11.10 -17.55
C THR A 114 -6.04 -10.33 -17.46
N GLY A 115 -6.64 -9.98 -18.59
CA GLY A 115 -7.89 -9.25 -18.53
C GLY A 115 -8.80 -9.92 -17.51
N LYS A 116 -8.89 -11.25 -17.58
CA LYS A 116 -9.72 -12.01 -16.66
C LYS A 116 -9.36 -11.66 -15.22
N GLN A 117 -8.07 -11.80 -14.88
CA GLN A 117 -7.63 -11.48 -13.53
C GLN A 117 -8.04 -10.06 -13.11
N TRP A 118 -8.05 -9.12 -14.05
CA TRP A 118 -8.46 -7.76 -13.73
C TRP A 118 -9.89 -7.76 -13.26
N LYS A 119 -10.74 -8.51 -13.93
CA LYS A 119 -12.15 -8.58 -13.57
C LYS A 119 -12.26 -9.08 -12.15
N GLN A 120 -11.42 -10.06 -11.82
CA GLN A 120 -11.42 -10.65 -10.49
C GLN A 120 -10.95 -9.67 -9.44
N LEU A 121 -10.08 -8.74 -9.82
CA LEU A 121 -9.60 -7.74 -8.87
C LEU A 121 -10.79 -6.78 -8.65
N GLY A 122 -11.63 -6.66 -9.67
CA GLY A 122 -12.79 -5.80 -9.55
C GLY A 122 -13.73 -6.41 -8.54
N LYS A 123 -13.93 -7.72 -8.66
CA LYS A 123 -14.83 -8.45 -7.79
C LYS A 123 -14.42 -8.47 -6.32
N VAL A 124 -13.14 -8.59 -6.03
CA VAL A 124 -12.71 -8.63 -4.64
C VAL A 124 -12.67 -7.26 -4.01
N LEU A 125 -12.28 -6.24 -4.77
CA LEU A 125 -12.22 -4.88 -4.24
C LEU A 125 -13.65 -4.47 -3.85
N ARG A 126 -14.62 -5.02 -4.59
CA ARG A 126 -16.02 -4.71 -4.31
C ARG A 126 -16.48 -5.39 -3.03
N GLN A 127 -16.21 -6.67 -2.87
CA GLN A 127 -16.59 -7.39 -1.65
C GLN A 127 -16.07 -6.57 -0.48
N ILE A 128 -14.76 -6.29 -0.50
CA ILE A 128 -14.11 -5.51 0.54
C ILE A 128 -14.87 -4.19 0.73
N HIS A 129 -15.10 -3.47 -0.36
CA HIS A 129 -15.83 -2.20 -0.25
C HIS A 129 -17.29 -2.36 0.22
N GLU A 130 -17.84 -3.57 0.10
CA GLU A 130 -19.21 -3.84 0.52
C GLU A 130 -19.24 -4.59 1.86
N THR A 131 -18.06 -4.85 2.42
CA THR A 131 -17.99 -5.55 3.70
C THR A 131 -18.31 -4.61 4.86
N SER A 132 -19.37 -4.93 5.60
CA SER A 132 -19.78 -4.10 6.73
C SER A 132 -18.71 -4.18 7.80
N VAL A 133 -18.47 -3.05 8.47
CA VAL A 133 -17.47 -3.03 9.53
C VAL A 133 -18.08 -2.92 10.90
N PRO A 134 -17.73 -3.85 11.79
CA PRO A 134 -18.25 -3.85 13.16
C PRO A 134 -18.08 -2.44 13.73
N ILE A 135 -19.20 -1.84 14.14
CA ILE A 135 -19.15 -0.49 14.69
C ILE A 135 -17.97 -0.35 15.67
N SER A 136 -17.59 -1.46 16.29
CA SER A 136 -16.48 -1.48 17.26
C SER A 136 -15.12 -1.35 16.58
N ILE A 137 -14.89 -2.19 15.57
CA ILE A 137 -13.66 -2.14 14.81
C ILE A 137 -13.60 -0.82 14.03
N GLN A 138 -14.77 -0.28 13.71
CA GLN A 138 -14.84 0.97 12.97
C GLN A 138 -14.21 2.10 13.76
N GLN A 139 -14.24 1.99 15.08
CA GLN A 139 -13.69 3.02 15.95
C GLN A 139 -12.19 2.99 16.15
N GLN A 140 -11.51 2.02 15.54
CA GLN A 140 -10.05 1.94 15.64
C GLN A 140 -9.44 2.32 14.28
N LEU A 141 -10.20 2.10 13.21
CA LEU A 141 -9.73 2.44 11.87
C LEU A 141 -9.76 3.95 11.72
N ARG A 142 -8.82 4.49 10.93
CA ARG A 142 -8.76 5.93 10.73
C ARG A 142 -9.80 6.40 9.72
N LYS A 143 -10.20 7.66 9.83
CA LYS A 143 -11.20 8.23 8.94
C LYS A 143 -10.65 9.31 8.03
N GLU A 144 -11.11 9.33 6.80
CA GLU A 144 -10.65 10.32 5.83
C GLU A 144 -11.16 11.70 6.18
N ILE A 145 -10.30 12.54 6.74
CA ILE A 145 -10.71 13.88 7.10
C ILE A 145 -10.05 14.96 6.24
N TYR A 146 -9.27 14.51 5.25
CA TYR A 146 -8.57 15.39 4.32
C TYR A 146 -7.49 16.26 4.96
N SER A 147 -6.77 15.69 5.91
CA SER A 147 -5.71 16.41 6.60
C SER A 147 -4.81 17.24 5.68
N PRO A 148 -4.75 18.56 5.90
CA PRO A 148 -3.90 19.42 5.07
C PRO A 148 -2.47 19.27 5.53
N LYS A 149 -2.24 18.25 6.36
CA LYS A 149 -0.92 17.95 6.88
C LYS A 149 0.05 17.87 5.71
N TRP A 150 0.01 16.75 5.02
CA TRP A 150 0.88 16.50 3.87
C TRP A 150 1.30 17.71 3.03
N ARG A 151 0.33 18.51 2.58
CA ARG A 151 0.64 19.67 1.77
C ARG A 151 1.59 20.64 2.51
N GLU A 152 1.31 20.83 3.80
CA GLU A 152 2.14 21.70 4.64
C GLU A 152 3.57 21.18 4.69
N ILE A 153 3.72 19.85 4.61
CA ILE A 153 5.04 19.27 4.64
C ILE A 153 5.75 19.54 3.32
N VAL A 154 5.02 19.57 2.21
CA VAL A 154 5.65 19.84 0.93
C VAL A 154 5.96 21.32 0.76
N ARG A 155 5.11 22.17 1.33
CA ARG A 155 5.32 23.62 1.27
C ARG A 155 6.58 24.00 2.04
N SER A 156 6.82 23.31 3.16
CA SER A 156 7.99 23.57 4.00
C SER A 156 9.25 23.19 3.23
N PHE A 157 9.06 22.83 1.96
CA PHE A 157 10.17 22.43 1.11
C PHE A 157 10.55 23.51 0.11
N TYR A 158 9.58 24.34 -0.28
CA TYR A 158 9.82 25.44 -1.22
C TYR A 158 10.99 26.24 -0.65
N ASN A 159 10.87 26.58 0.63
CA ASN A 159 11.88 27.33 1.36
C ASN A 159 13.16 26.52 1.60
N GLN A 160 13.01 25.25 1.96
CA GLN A 160 14.13 24.37 2.27
C GLN A 160 15.15 24.09 1.16
N ILE A 161 15.02 24.77 0.01
CA ILE A 161 15.96 24.57 -1.08
C ILE A 161 16.89 25.77 -1.25
N GLU A 162 18.13 25.60 -0.78
CA GLU A 162 19.16 26.63 -0.83
C GLU A 162 20.51 25.89 -0.96
N PHE A 163 21.53 26.55 -1.49
CA PHE A 163 22.83 25.91 -1.66
C PHE A 163 23.73 25.97 -0.42
N ASP A 164 23.75 24.86 0.32
CA ASP A 164 24.58 24.74 1.53
C ASP A 164 25.65 23.66 1.35
N ASN A 165 26.87 24.11 1.08
CA ASN A 165 28.03 23.24 0.86
C ASN A 165 27.97 21.94 1.66
N SER A 166 27.34 22.01 2.83
CA SER A 166 27.19 20.86 3.71
C SER A 166 26.09 19.93 3.20
N ASP A 167 25.86 19.95 1.89
CA ASP A 167 24.85 19.13 1.23
C ASP A 167 25.24 17.66 1.11
N ASP A 168 25.50 17.24 -0.12
CA ASP A 168 25.89 15.87 -0.45
C ASP A 168 25.52 15.59 -1.90
N LYS A 169 26.28 14.72 -2.55
CA LYS A 169 26.03 14.36 -3.95
C LYS A 169 24.57 13.98 -4.20
N LEU A 170 23.98 13.26 -3.24
CA LEU A 170 22.58 12.82 -3.34
C LEU A 170 21.60 13.91 -2.93
N THR A 171 21.89 14.65 -1.87
CA THR A 171 20.97 15.71 -1.44
C THR A 171 20.88 16.82 -2.47
N ALA A 172 22.00 17.10 -3.13
CA ALA A 172 22.03 18.15 -4.14
C ALA A 172 21.04 17.78 -5.23
N ALA A 173 21.26 16.61 -5.82
CA ALA A 173 20.39 16.13 -6.89
C ALA A 173 18.91 16.38 -6.58
N PHE A 174 18.43 15.91 -5.44
CA PHE A 174 17.03 16.11 -5.07
C PHE A 174 16.70 17.60 -5.11
N LYS A 175 17.47 18.39 -4.35
CA LYS A 175 17.25 19.83 -4.29
C LYS A 175 17.14 20.38 -5.71
N SER A 176 18.02 19.89 -6.56
CA SER A 176 18.03 20.28 -7.96
C SER A 176 16.71 19.86 -8.62
N PHE A 177 16.57 18.56 -8.86
CA PHE A 177 15.38 17.97 -9.48
C PHE A 177 14.09 18.62 -9.00
N PHE A 178 14.00 18.88 -7.70
CA PHE A 178 12.82 19.52 -7.12
C PHE A 178 12.58 20.88 -7.74
N ASN A 179 13.66 21.63 -7.99
CA ASN A 179 13.52 22.94 -8.60
C ASN A 179 13.23 22.72 -10.06
N GLN A 180 13.94 21.75 -10.62
CA GLN A 180 13.81 21.39 -12.01
C GLN A 180 12.37 20.94 -12.33
N ASN A 181 11.52 20.96 -11.30
CA ASN A 181 10.10 20.54 -11.41
C ASN A 181 9.20 21.27 -10.40
N SER A 182 9.56 22.48 -10.03
CA SER A 182 8.78 23.27 -9.07
C SER A 182 7.35 23.56 -9.53
N ALA A 183 7.20 23.94 -10.80
CA ALA A 183 5.89 24.24 -11.36
C ALA A 183 4.91 23.09 -11.15
N ALA A 184 5.26 21.93 -11.69
CA ALA A 184 4.42 20.74 -11.57
C ALA A 184 3.99 20.52 -10.13
N ILE A 185 4.97 20.54 -9.22
CA ILE A 185 4.70 20.32 -7.81
C ILE A 185 3.72 21.30 -7.19
N HIS A 186 4.01 22.59 -7.27
CA HIS A 186 3.09 23.57 -6.69
C HIS A 186 1.66 23.27 -7.12
N ARG A 187 1.51 22.95 -8.40
CA ARG A 187 0.21 22.61 -8.97
C ARG A 187 -0.37 21.40 -8.24
N LEU A 188 0.44 20.36 -8.09
CA LEU A 188 0.01 19.16 -7.37
C LEU A 188 -0.50 19.56 -5.98
N VAL A 189 0.26 20.43 -5.30
CA VAL A 189 -0.13 20.88 -3.98
C VAL A 189 -1.35 21.77 -4.07
N ASP A 190 -1.25 22.79 -4.90
CA ASP A 190 -2.33 23.74 -5.08
C ASP A 190 -3.62 23.13 -5.59
N THR A 191 -3.51 22.05 -6.37
CA THR A 191 -4.68 21.36 -6.91
C THR A 191 -5.26 20.44 -5.84
N SER A 192 -4.37 19.78 -5.11
CA SER A 192 -4.80 18.88 -4.06
C SER A 192 -5.49 19.74 -3.00
N GLU A 193 -5.16 21.03 -2.99
CA GLU A 193 -5.73 21.99 -2.06
C GLU A 193 -7.11 22.46 -2.54
N LYS A 194 -7.20 22.80 -3.82
CA LYS A 194 -8.46 23.26 -4.40
C LYS A 194 -9.54 22.21 -4.49
N LEU A 195 -9.19 20.99 -4.91
CA LEU A 195 -10.18 19.94 -5.03
C LEU A 195 -10.71 19.46 -3.69
N SER A 196 -9.96 19.69 -2.62
CA SER A 196 -10.44 19.28 -1.30
C SER A 196 -11.60 20.21 -0.99
N LYS A 197 -11.42 21.46 -1.38
CA LYS A 197 -12.42 22.50 -1.17
C LYS A 197 -13.71 22.28 -1.96
N LYS A 198 -13.85 21.13 -2.61
CA LYS A 198 -15.05 20.84 -3.40
C LYS A 198 -15.71 19.56 -2.91
N ILE A 199 -15.15 18.98 -1.86
CA ILE A 199 -15.67 17.74 -1.29
C ILE A 199 -16.34 17.97 0.05
N GLN A 200 -17.60 17.56 0.12
CA GLN A 200 -18.38 17.69 1.33
C GLN A 200 -18.43 16.34 2.02
N PRO A 201 -17.51 16.10 2.98
CA PRO A 201 -17.43 14.84 3.72
C PRO A 201 -18.79 14.18 3.91
N ASP A 202 -18.87 12.89 3.61
CA ASP A 202 -20.11 12.13 3.74
C ASP A 202 -19.83 10.81 4.43
N LEU A 203 -19.52 10.87 5.72
CA LEU A 203 -19.21 9.64 6.45
C LEU A 203 -20.25 8.54 6.28
N ASP A 204 -21.35 8.86 5.60
CA ASP A 204 -22.41 7.87 5.38
C ASP A 204 -22.17 7.06 4.12
N LYS A 205 -21.06 7.37 3.44
CA LYS A 205 -20.71 6.66 2.22
C LYS A 205 -19.33 5.99 2.32
N TYR A 206 -18.51 6.43 3.28
CA TYR A 206 -17.19 5.86 3.49
C TYR A 206 -17.24 4.34 3.55
N VAL A 207 -16.24 3.69 2.96
CA VAL A 207 -16.15 2.24 2.92
C VAL A 207 -14.79 1.73 3.40
N LEU A 208 -14.72 0.43 3.70
CA LEU A 208 -13.48 -0.18 4.14
C LEU A 208 -12.58 -0.22 2.92
N CYS A 209 -11.62 0.69 2.88
CA CYS A 209 -10.68 0.75 1.79
C CYS A 209 -9.32 0.20 2.22
N HIS A 210 -8.62 -0.43 1.28
CA HIS A 210 -7.26 -0.89 1.51
C HIS A 210 -6.71 0.47 1.13
N SER A 211 -5.85 1.08 1.91
CA SER A 211 -5.48 2.41 1.45
C SER A 211 -4.42 2.60 0.37
N ASP A 212 -3.65 1.56 0.04
CA ASP A 212 -2.59 1.70 -0.94
C ASP A 212 -2.55 0.49 -1.88
N ILE A 213 -3.64 0.25 -2.60
CA ILE A 213 -3.75 -0.91 -3.48
C ILE A 213 -3.23 -0.67 -4.91
N HIS A 214 -1.92 -0.66 -5.05
CA HIS A 214 -1.29 -0.48 -6.36
C HIS A 214 -0.74 -1.83 -6.79
N ALA A 215 -0.25 -1.90 -8.02
CA ALA A 215 0.31 -3.12 -8.57
C ALA A 215 1.26 -3.80 -7.59
N GLY A 216 1.91 -2.99 -6.76
CA GLY A 216 2.85 -3.52 -5.78
C GLY A 216 2.23 -4.39 -4.71
N ASN A 217 0.94 -4.20 -4.44
CA ASN A 217 0.31 -5.01 -3.42
C ASN A 217 -0.64 -6.10 -3.84
N VAL A 218 -0.52 -6.51 -5.09
CA VAL A 218 -1.32 -7.60 -5.61
C VAL A 218 -0.32 -8.67 -6.11
N LEU A 219 -0.23 -9.77 -5.38
CA LEU A 219 0.63 -10.86 -5.81
C LEU A 219 -0.18 -11.51 -6.91
N VAL A 220 0.32 -11.44 -8.15
CA VAL A 220 -0.38 -12.03 -9.27
C VAL A 220 0.10 -13.45 -9.51
N GLY A 221 -0.51 -14.38 -8.79
CA GLY A 221 -0.15 -15.78 -8.93
C GLY A 221 -0.38 -16.33 -10.31
N ASN A 222 -0.42 -17.65 -10.41
CA ASN A 222 -0.63 -18.30 -11.69
C ASN A 222 -2.10 -18.57 -11.91
N GLU A 223 -2.38 -19.52 -12.80
CA GLU A 223 -3.76 -19.87 -13.09
C GLU A 223 -4.64 -18.65 -13.21
N GLU A 224 -5.39 -18.38 -12.15
CA GLU A 224 -6.31 -17.26 -12.15
C GLU A 224 -6.61 -17.01 -10.68
N SER A 225 -5.55 -16.98 -9.88
CA SER A 225 -5.67 -16.72 -8.45
C SER A 225 -4.72 -15.55 -8.16
N ILE A 226 -5.22 -14.56 -7.43
CA ILE A 226 -4.45 -13.38 -7.08
C ILE A 226 -4.66 -13.08 -5.59
N TYR A 227 -3.73 -12.36 -4.98
CA TYR A 227 -3.87 -12.02 -3.57
C TYR A 227 -3.66 -10.51 -3.39
N ILE A 228 -4.38 -9.92 -2.45
CA ILE A 228 -4.23 -8.50 -2.16
C ILE A 228 -3.51 -8.50 -0.83
N ILE A 229 -2.44 -7.70 -0.70
CA ILE A 229 -1.69 -7.70 0.54
C ILE A 229 -1.45 -6.36 1.23
N ASP A 230 -0.59 -6.36 2.22
CA ASP A 230 -0.28 -5.16 3.00
C ASP A 230 -1.57 -4.51 3.49
N TRP A 231 -2.08 -4.98 4.62
CA TRP A 231 -3.27 -4.39 5.19
C TRP A 231 -2.86 -3.67 6.44
N ASP A 232 -1.73 -3.00 6.38
CA ASP A 232 -1.23 -2.28 7.52
C ASP A 232 -2.03 -1.02 7.81
N GLU A 233 -2.42 -0.32 6.75
CA GLU A 233 -3.16 0.92 6.97
C GLU A 233 -4.55 1.06 6.33
N PRO A 234 -5.43 0.04 6.52
CA PRO A 234 -6.78 0.09 5.96
C PRO A 234 -7.60 1.18 6.62
N MET A 235 -8.47 1.84 5.86
CA MET A 235 -9.26 2.94 6.42
C MET A 235 -10.70 3.04 5.91
N LEU A 236 -11.45 3.95 6.53
CA LEU A 236 -12.83 4.19 6.14
C LEU A 236 -12.83 5.47 5.30
N ALA A 237 -13.17 5.35 4.01
CA ALA A 237 -13.17 6.52 3.14
C ALA A 237 -13.91 6.34 1.82
N PRO A 238 -14.04 7.43 1.05
CA PRO A 238 -14.72 7.42 -0.25
C PRO A 238 -14.04 6.35 -1.09
N LYS A 239 -14.79 5.35 -1.54
CA LYS A 239 -14.22 4.26 -2.32
C LYS A 239 -13.16 4.71 -3.33
N GLU A 240 -13.32 5.92 -3.87
CA GLU A 240 -12.37 6.44 -4.86
C GLU A 240 -10.93 6.41 -4.30
N ARG A 241 -10.83 6.14 -3.00
CA ARG A 241 -9.54 6.05 -2.32
C ARG A 241 -8.74 4.90 -2.92
N ASP A 242 -9.45 3.83 -3.27
CA ASP A 242 -8.82 2.67 -3.87
C ASP A 242 -8.98 2.76 -5.37
N LEU A 243 -10.21 2.93 -5.84
CA LEU A 243 -10.45 2.98 -7.26
C LEU A 243 -9.52 3.93 -8.02
N MET A 244 -8.91 4.90 -7.33
CA MET A 244 -8.04 5.82 -8.03
C MET A 244 -6.80 5.12 -8.61
N PHE A 245 -6.44 3.96 -8.06
CA PHE A 245 -5.27 3.21 -8.52
C PHE A 245 -5.50 2.54 -9.83
N ILE A 246 -6.76 2.32 -10.18
CA ILE A 246 -7.06 1.70 -11.44
C ILE A 246 -6.85 2.88 -12.41
N GLY A 247 -5.82 2.77 -13.23
CA GLY A 247 -5.45 3.82 -14.16
C GLY A 247 -4.47 4.76 -13.49
N GLY A 248 -4.06 4.41 -12.26
CA GLY A 248 -3.15 5.25 -11.51
C GLY A 248 -1.77 5.45 -12.09
N GLY A 249 -1.15 4.35 -12.51
CA GLY A 249 0.18 4.44 -13.08
C GLY A 249 1.28 4.25 -12.07
N VAL A 250 0.92 4.02 -10.81
CA VAL A 250 1.90 3.77 -9.75
C VAL A 250 2.81 2.62 -10.20
N GLY A 251 4.11 2.89 -10.26
CA GLY A 251 5.05 1.87 -10.66
C GLY A 251 5.17 1.74 -12.16
N ASN A 252 4.72 2.79 -12.85
CA ASN A 252 4.77 2.82 -14.30
C ASN A 252 4.04 1.62 -14.96
N VAL A 253 3.00 1.17 -14.27
CA VAL A 253 2.14 0.05 -14.71
C VAL A 253 0.70 0.42 -14.28
N TRP A 254 -0.30 -0.35 -14.69
CA TRP A 254 -1.70 -0.02 -14.34
C TRP A 254 -2.05 1.37 -14.89
N ASN A 255 -1.65 1.60 -16.13
CA ASN A 255 -1.89 2.86 -16.79
C ASN A 255 -2.48 2.69 -18.20
N LYS A 256 -2.74 1.43 -18.58
CA LYS A 256 -3.33 1.15 -19.89
C LYS A 256 -4.84 1.24 -19.72
N PRO A 257 -5.46 2.24 -20.37
CA PRO A 257 -6.91 2.49 -20.31
C PRO A 257 -7.80 1.30 -20.66
N HIS A 258 -7.35 0.49 -21.62
CA HIS A 258 -8.16 -0.66 -21.99
C HIS A 258 -8.31 -1.63 -20.82
N GLU A 259 -7.56 -1.40 -19.75
CA GLU A 259 -7.65 -2.28 -18.59
C GLU A 259 -8.64 -1.76 -17.57
N ILE A 260 -8.78 -0.45 -17.46
CA ILE A 260 -9.71 0.10 -16.51
C ILE A 260 -11.09 -0.51 -16.72
N GLN A 261 -11.33 -0.99 -17.95
CA GLN A 261 -12.62 -1.60 -18.28
C GLN A 261 -12.74 -2.97 -17.63
N TYR A 262 -11.79 -3.86 -17.90
CA TYR A 262 -11.82 -5.19 -17.30
C TYR A 262 -12.07 -5.12 -15.79
N PHE A 263 -11.52 -4.10 -15.14
CA PHE A 263 -11.67 -3.96 -13.70
C PHE A 263 -13.09 -3.67 -13.28
N TYR A 264 -13.67 -2.61 -13.85
CA TYR A 264 -15.01 -2.22 -13.48
C TYR A 264 -16.09 -3.20 -13.91
N GLU A 265 -15.71 -4.22 -14.69
CA GLU A 265 -16.69 -5.20 -15.14
C GLU A 265 -16.85 -6.28 -14.08
N GLY A 266 -15.92 -6.31 -13.13
CA GLY A 266 -15.98 -7.26 -12.06
C GLY A 266 -16.36 -6.48 -10.82
N TYR A 267 -16.28 -5.16 -10.92
CA TYR A 267 -16.62 -4.30 -9.81
C TYR A 267 -18.14 -4.15 -9.83
N GLY A 268 -18.61 -3.39 -10.82
CA GLY A 268 -20.00 -3.09 -11.04
C GLY A 268 -19.92 -1.64 -11.48
N GLU A 269 -20.92 -1.08 -12.15
CA GLU A 269 -20.77 0.31 -12.57
C GLU A 269 -21.19 1.37 -11.54
N ILE A 270 -21.24 1.00 -10.27
CA ILE A 270 -21.58 1.96 -9.21
C ILE A 270 -20.92 3.31 -9.55
N ASN A 271 -21.73 4.37 -9.56
CA ASN A 271 -21.28 5.73 -9.90
C ASN A 271 -19.97 6.17 -9.24
N VAL A 272 -19.07 6.79 -10.01
CA VAL A 272 -17.78 7.21 -9.48
C VAL A 272 -17.48 8.71 -9.48
N ASP A 273 -17.39 9.28 -8.27
CA ASP A 273 -17.14 10.72 -8.09
C ASP A 273 -15.76 11.14 -8.61
N LYS A 274 -15.69 11.41 -9.91
CA LYS A 274 -14.45 11.81 -10.55
C LYS A 274 -13.66 12.87 -9.78
N THR A 275 -14.33 13.63 -8.90
CA THR A 275 -13.64 14.69 -8.12
C THR A 275 -12.85 14.12 -6.95
N ILE A 276 -13.39 13.10 -6.31
CA ILE A 276 -12.68 12.47 -5.21
C ILE A 276 -11.53 11.70 -5.87
N LEU A 277 -11.77 11.28 -7.11
CA LEU A 277 -10.80 10.52 -7.89
C LEU A 277 -9.64 11.41 -8.32
N SER A 278 -9.95 12.66 -8.68
CA SER A 278 -8.91 13.58 -9.09
C SER A 278 -8.14 13.99 -7.85
N TYR A 279 -8.87 14.48 -6.85
CA TYR A 279 -8.28 14.90 -5.57
C TYR A 279 -7.30 13.86 -5.02
N TYR A 280 -7.79 12.64 -4.84
CA TYR A 280 -6.95 11.58 -4.32
C TYR A 280 -5.74 11.30 -5.22
N ARG A 281 -5.83 11.65 -6.50
CA ARG A 281 -4.72 11.39 -7.41
C ARG A 281 -3.58 12.38 -7.23
N HIS A 282 -3.89 13.64 -6.95
CA HIS A 282 -2.85 14.63 -6.75
C HIS A 282 -2.31 14.48 -5.33
N GLU A 283 -3.23 14.20 -4.41
CA GLU A 283 -2.92 14.02 -2.99
C GLU A 283 -1.89 12.93 -2.66
N ARG A 284 -2.08 11.73 -3.20
CA ARG A 284 -1.14 10.63 -2.92
C ARG A 284 0.25 11.07 -3.36
N ILE A 285 0.31 11.83 -4.46
CA ILE A 285 1.59 12.30 -4.93
C ILE A 285 2.18 13.23 -3.87
N VAL A 286 1.49 14.33 -3.59
CA VAL A 286 1.91 15.30 -2.56
C VAL A 286 2.48 14.60 -1.32
N GLU A 287 1.84 13.51 -0.92
CA GLU A 287 2.26 12.73 0.24
C GLU A 287 3.61 12.08 -0.04
N ASP A 288 3.74 11.39 -1.16
CA ASP A 288 5.01 10.76 -1.48
C ASP A 288 6.08 11.83 -1.60
N ILE A 289 5.74 12.95 -2.22
CA ILE A 289 6.71 14.03 -2.37
C ILE A 289 7.08 14.53 -0.99
N ALA A 290 6.10 14.53 -0.09
CA ALA A 290 6.35 14.98 1.27
C ALA A 290 7.08 13.88 2.05
N VAL A 291 6.84 12.63 1.67
CA VAL A 291 7.47 11.51 2.35
C VAL A 291 8.88 11.32 1.83
N TYR A 292 9.00 10.95 0.57
CA TYR A 292 10.31 10.79 -0.03
C TYR A 292 11.09 12.07 0.22
N GLY A 293 10.35 13.18 0.25
CA GLY A 293 10.96 14.47 0.47
C GLY A 293 11.65 14.64 1.80
N GLN A 294 10.89 14.58 2.88
CA GLN A 294 11.43 14.73 4.23
C GLN A 294 12.52 13.71 4.55
N ASP A 295 12.63 12.67 3.72
CA ASP A 295 13.65 11.66 3.93
C ASP A 295 14.99 12.11 3.37
N LEU A 296 14.94 12.81 2.24
CA LEU A 296 16.14 13.33 1.58
C LEU A 296 16.56 14.69 2.13
N LEU A 297 16.11 15.02 3.34
CA LEU A 297 16.48 16.28 3.97
C LEU A 297 16.67 16.07 5.48
N ASN A 303 18.60 6.30 5.73
CA ASN A 303 19.91 6.59 5.15
C ASN A 303 20.22 5.72 3.94
N GLN A 304 19.62 4.52 3.90
CA GLN A 304 19.83 3.58 2.81
C GLN A 304 18.65 3.67 1.84
N SER A 305 17.53 4.13 2.38
CA SER A 305 16.31 4.29 1.61
C SER A 305 16.30 5.62 0.85
N ARG A 306 17.19 6.54 1.24
CA ARG A 306 17.30 7.86 0.60
C ARG A 306 17.68 7.70 -0.88
N LEU A 307 18.33 6.57 -1.18
CA LEU A 307 18.77 6.22 -2.52
C LEU A 307 17.57 5.78 -3.35
N GLU A 308 16.63 5.12 -2.67
CA GLU A 308 15.41 4.60 -3.28
C GLU A 308 14.33 5.69 -3.31
N SER A 309 14.16 6.35 -2.16
CA SER A 309 13.18 7.43 -2.04
C SER A 309 13.39 8.55 -3.03
N PHE A 310 14.45 8.44 -3.84
CA PHE A 310 14.75 9.47 -4.84
C PHE A 310 14.58 8.86 -6.21
N LYS A 311 14.83 7.56 -6.29
CA LYS A 311 14.67 6.86 -7.55
C LYS A 311 13.18 6.84 -7.80
N TYR A 312 12.40 6.51 -6.77
CA TYR A 312 10.94 6.46 -6.86
C TYR A 312 10.36 7.84 -7.05
N PHE A 313 10.90 8.80 -6.30
CA PHE A 313 10.45 10.18 -6.38
C PHE A 313 10.50 10.67 -7.83
N LYS A 314 11.63 10.45 -8.48
CA LYS A 314 11.81 10.87 -9.86
C LYS A 314 10.96 10.13 -10.90
N GLU A 315 10.59 8.88 -10.60
CA GLU A 315 9.78 8.11 -11.54
C GLU A 315 8.37 8.65 -11.59
N MET A 316 7.98 9.36 -10.53
CA MET A 316 6.65 9.92 -10.46
C MET A 316 6.43 10.95 -11.57
N PHE A 317 7.51 11.36 -12.23
CA PHE A 317 7.40 12.34 -13.31
C PHE A 317 7.75 11.77 -14.69
N ASP A 318 8.08 10.48 -14.76
CA ASP A 318 8.40 9.90 -16.04
C ASP A 318 7.14 9.76 -16.90
N PRO A 319 7.32 9.64 -18.23
CA PRO A 319 6.20 9.48 -19.15
C PRO A 319 5.24 8.40 -18.69
N ASN A 320 3.95 8.76 -18.63
CA ASN A 320 2.85 7.88 -18.25
C ASN A 320 2.86 7.34 -16.83
N ASN A 321 3.31 8.16 -15.90
CA ASN A 321 3.34 7.77 -14.52
C ASN A 321 2.36 8.65 -13.74
N VAL A 322 2.11 8.27 -12.50
CA VAL A 322 1.17 9.01 -11.68
C VAL A 322 1.03 10.54 -11.90
N VAL A 323 2.12 11.28 -12.01
CA VAL A 323 2.00 12.73 -12.19
C VAL A 323 1.23 13.10 -13.47
N GLU A 324 1.57 12.46 -14.58
CA GLU A 324 0.86 12.77 -15.82
C GLU A 324 -0.61 12.40 -15.65
N ILE A 325 -0.87 11.12 -15.42
CA ILE A 325 -2.21 10.58 -15.23
C ILE A 325 -3.04 11.46 -14.28
N ALA A 326 -2.36 12.22 -13.42
CA ALA A 326 -3.05 13.08 -12.46
C ALA A 326 -3.50 14.38 -13.09
N PHE A 327 -2.67 14.88 -13.99
CA PHE A 327 -2.95 16.13 -14.70
C PHE A 327 -3.80 15.86 -15.95
N ALA A 328 -3.67 14.66 -16.52
CA ALA A 328 -4.43 14.29 -17.72
C ALA A 328 -5.80 13.76 -17.31
N THR A 329 -6.83 14.56 -17.54
CA THR A 329 -8.17 14.14 -17.20
C THR A 329 -8.66 12.94 -18.03
N GLU A 330 -8.18 11.75 -17.65
CA GLU A 330 -8.53 10.48 -18.28
C GLU A 330 -9.27 9.63 -17.24
N GLN A 331 -10.43 10.12 -16.81
CA GLN A 331 -11.25 9.45 -15.81
C GLN A 331 -12.59 8.95 -16.39
P AMP B . 4.09 -6.52 2.67
O1P AMP B . 4.41 -5.07 2.81
O2P AMP B . 5.20 -7.37 3.49
O3P AMP B . 2.75 -7.03 3.07
O5' AMP B . 4.39 -6.96 1.14
C5' AMP B . 5.59 -6.54 0.48
C4' AMP B . 6.22 -7.71 -0.31
O4' AMP B . 6.39 -8.86 0.51
C3' AMP B . 5.39 -8.21 -1.48
O3' AMP B . 5.81 -7.53 -2.68
C2' AMP B . 5.82 -9.70 -1.56
O2' AMP B . 7.00 -9.79 -2.38
C1' AMP B . 6.18 -10.13 -0.13
N9 AMP B . 5.20 -11.01 0.57
C8 AMP B . 4.21 -10.64 1.45
N7 AMP B . 3.50 -11.63 1.92
C5 AMP B . 4.04 -12.74 1.30
C6 AMP B . 3.72 -14.15 1.36
N6 AMP B . 2.74 -14.64 2.11
N1 AMP B . 4.47 -15.01 0.60
C2 AMP B . 5.46 -14.51 -0.16
N3 AMP B . 5.85 -13.22 -0.31
C4 AMP B . 5.08 -12.39 0.47
NI NI C . -9.56 -19.83 4.40
#